data_4BJC
#
_entry.id   4BJC
#
_cell.length_a   65.300
_cell.length_b   65.300
_cell.length_c   122.910
_cell.angle_alpha   90.00
_cell.angle_beta   90.00
_cell.angle_gamma   90.00
#
_symmetry.space_group_name_H-M   'P 41 21 2'
#
loop_
_entity.id
_entity.type
_entity.pdbx_description
1 polymer TANKYRASE-2
2 non-polymer Rucaparib
3 non-polymer 'SULFATE ION'
4 non-polymer 'ZINC ION'
5 water water
#
_entity_poly.entity_id   1
_entity_poly.type   'polypeptide(L)'
_entity_poly.pdbx_seq_one_letter_code
;MHHHHHHSSGVDLGTENLYFQSMLNTSGSGTILIDLSPDDKEFQSVEEEMQSTVREHRDGGHAGGIFNRYNILKIQKVCN
KKLWERYTHRRKEVSEENHNHANERMLFHGSPFVNAIIHKGFDERHAYIGGMFGAGIYFAENSSKSNQYVYGIGGGTGCP
VHKDRSCYICHRQLLFCRVTLGKSFLQFSAMKMAHSPPGHHSVTGRPSVNGLALAEYVIYRGEQAYPEYLITYQIMRPEG
;
_entity_poly.pdbx_strand_id   A
#
loop_
_chem_comp.id
_chem_comp.type
_chem_comp.name
_chem_comp.formula
RPB non-polymer Rucaparib 'C19 H18 F N3 O'
SO4 non-polymer 'SULFATE ION' 'O4 S -2'
ZN non-polymer 'ZINC ION' 'Zn 2'
#
# COMPACT_ATOMS: atom_id res chain seq x y z
N GLY A 30 -1.94 21.46 2.92
CA GLY A 30 -3.22 20.74 3.21
C GLY A 30 -3.05 19.56 4.14
N THR A 31 -2.02 18.75 3.91
CA THR A 31 -1.84 17.50 4.66
C THR A 31 -1.16 17.70 6.02
N ILE A 32 -1.78 17.15 7.06
CA ILE A 32 -1.10 16.99 8.34
C ILE A 32 -0.98 15.50 8.68
N LEU A 33 0.12 15.16 9.36
CA LEU A 33 0.41 13.79 9.77
C LEU A 33 0.31 13.71 11.29
N ILE A 34 -0.61 12.88 11.79
CA ILE A 34 -0.85 12.76 13.22
C ILE A 34 -0.16 11.50 13.75
N ASP A 35 0.77 11.67 14.66
CA ASP A 35 1.47 10.54 15.29
CA ASP A 35 1.46 10.54 15.26
C ASP A 35 0.50 9.76 16.16
N LEU A 36 0.49 8.43 16.01
CA LEU A 36 -0.32 7.57 16.85
C LEU A 36 0.55 6.89 17.90
N SER A 37 0.03 6.80 19.13
CA SER A 37 0.73 6.13 20.20
C SER A 37 0.64 4.61 20.06
N PRO A 38 1.71 3.88 20.42
CA PRO A 38 1.66 2.42 20.44
C PRO A 38 0.56 1.83 21.33
N ASP A 39 0.07 2.60 22.29
CA ASP A 39 -1.01 2.18 23.19
C ASP A 39 -2.39 2.35 22.56
N ASP A 40 -2.45 3.12 21.47
CA ASP A 40 -3.70 3.33 20.73
C ASP A 40 -4.09 2.07 19.97
N LYS A 41 -5.36 1.69 20.06
CA LYS A 41 -5.87 0.50 19.36
C LYS A 41 -5.74 0.63 17.84
N GLU A 42 -5.81 1.87 17.34
CA GLU A 42 -5.67 2.14 15.91
C GLU A 42 -4.23 1.86 15.44
N PHE A 43 -3.25 2.26 16.25
CA PHE A 43 -1.86 1.88 16.00
C PHE A 43 -1.73 0.36 15.94
N GLN A 44 -2.28 -0.30 16.96
CA GLN A 44 -2.14 -1.75 17.11
C GLN A 44 -2.81 -2.55 15.98
N SER A 45 -3.98 -2.11 15.54
CA SER A 45 -4.67 -2.80 14.45
C SER A 45 -3.90 -2.63 13.14
N VAL A 46 -3.37 -1.43 12.88
CA VAL A 46 -2.57 -1.21 11.67
C VAL A 46 -1.27 -2.01 11.70
N GLU A 47 -0.57 -2.00 12.83
CA GLU A 47 0.66 -2.80 12.96
C GLU A 47 0.39 -4.29 12.73
N GLU A 48 -0.73 -4.78 13.24
CA GLU A 48 -1.08 -6.20 13.10
C GLU A 48 -1.33 -6.57 11.63
N GLU A 49 -1.90 -5.65 10.84
CA GLU A 49 -2.06 -5.89 9.40
C GLU A 49 -0.70 -5.93 8.71
N MET A 50 0.21 -5.04 9.10
CA MET A 50 1.59 -5.05 8.60
C MET A 50 2.26 -6.39 8.83
N GLN A 51 2.28 -6.81 10.10
CA GLN A 51 3.06 -7.97 10.53
C GLN A 51 2.47 -9.29 10.03
N SER A 52 1.15 -9.44 10.16
CA SER A 52 0.50 -10.70 9.84
C SER A 52 0.38 -10.99 8.33
N THR A 53 0.69 -10.01 7.47
CA THR A 53 0.63 -10.21 6.01
C THR A 53 2.02 -10.28 5.35
N VAL A 54 3.06 -10.48 6.17
CA VAL A 54 4.39 -10.79 5.66
C VAL A 54 4.36 -12.21 5.11
N ARG A 55 4.98 -12.42 3.96
CA ARG A 55 5.13 -13.77 3.39
C ARG A 55 6.52 -13.93 2.78
N GLU A 56 6.89 -15.18 2.49
CA GLU A 56 8.08 -15.47 1.71
C GLU A 56 7.80 -15.15 0.24
N HIS A 57 8.83 -14.71 -0.48
CA HIS A 57 8.70 -14.32 -1.87
C HIS A 57 9.54 -15.22 -2.78
N ARG A 58 9.10 -15.36 -4.03
CA ARG A 58 9.75 -16.25 -4.98
C ARG A 58 11.19 -15.85 -5.32
N ASP A 59 11.56 -14.60 -5.04
CA ASP A 59 12.94 -14.16 -5.22
C ASP A 59 13.85 -14.41 -4.01
N GLY A 60 13.33 -15.06 -2.98
CA GLY A 60 14.11 -15.36 -1.78
C GLY A 60 14.60 -14.14 -1.01
N GLY A 61 13.96 -13.00 -1.22
CA GLY A 61 14.32 -11.75 -0.53
C GLY A 61 15.21 -10.81 -1.33
N HIS A 62 15.41 -11.10 -2.61
CA HIS A 62 16.28 -10.28 -3.45
C HIS A 62 15.84 -8.83 -3.55
N ALA A 63 14.55 -8.62 -3.83
CA ALA A 63 14.03 -7.27 -4.04
C ALA A 63 13.79 -6.50 -2.74
N GLY A 64 13.20 -7.17 -1.75
CA GLY A 64 12.78 -6.52 -0.51
C GLY A 64 13.61 -6.82 0.73
N GLY A 65 14.48 -7.83 0.66
CA GLY A 65 15.31 -8.23 1.79
C GLY A 65 14.76 -9.44 2.51
N ILE A 66 15.56 -10.00 3.42
CA ILE A 66 15.23 -11.24 4.12
C ILE A 66 14.74 -10.91 5.53
N PHE A 67 13.48 -11.27 5.83
CA PHE A 67 12.86 -10.97 7.12
C PHE A 67 11.56 -11.73 7.30
N ASN A 68 11.17 -11.93 8.56
CA ASN A 68 9.86 -12.50 8.91
C ASN A 68 8.93 -11.50 9.59
N ARG A 69 9.49 -10.40 10.09
CA ARG A 69 8.71 -9.35 10.73
C ARG A 69 9.44 -8.01 10.61
N TYR A 70 8.75 -6.94 11.01
CA TYR A 70 9.28 -5.59 10.95
C TYR A 70 9.49 -5.04 12.35
N ASN A 71 10.34 -4.01 12.43
CA ASN A 71 10.37 -3.15 13.60
C ASN A 71 9.61 -1.88 13.23
N ILE A 72 8.40 -1.73 13.77
CA ILE A 72 7.60 -0.53 13.50
C ILE A 72 8.15 0.61 14.35
N LEU A 73 8.56 1.69 13.70
CA LEU A 73 9.10 2.86 14.38
C LEU A 73 8.05 3.95 14.59
N LYS A 74 7.12 4.08 13.65
CA LYS A 74 6.14 5.15 13.71
C LYS A 74 4.95 4.84 12.78
N ILE A 75 3.76 5.20 13.24
CA ILE A 75 2.56 5.14 12.41
C ILE A 75 1.88 6.48 12.52
N GLN A 76 1.69 7.15 11.38
CA GLN A 76 1.02 8.44 11.33
C GLN A 76 -0.26 8.37 10.50
N LYS A 77 -1.32 8.97 11.04
CA LYS A 77 -2.58 9.13 10.31
C LYS A 77 -2.44 10.32 9.37
N VAL A 78 -2.81 10.13 8.11
CA VAL A 78 -2.69 11.17 7.10
C VAL A 78 -4.04 11.87 6.94
N CYS A 79 -4.08 13.15 7.29
CA CYS A 79 -5.31 13.94 7.24
CA CYS A 79 -5.30 13.95 7.25
C CYS A 79 -5.17 15.05 6.20
N ASN A 80 -6.03 14.99 5.18
CA ASN A 80 -6.08 16.02 4.14
C ASN A 80 -7.52 16.13 3.61
N LYS A 81 -8.10 17.30 3.82
CA LYS A 81 -9.52 17.55 3.53
C LYS A 81 -9.84 17.39 2.04
N LYS A 82 -9.04 18.02 1.19
CA LYS A 82 -9.28 18.01 -0.25
C LYS A 82 -9.15 16.62 -0.84
N LEU A 83 -8.09 15.91 -0.46
CA LEU A 83 -7.87 14.55 -0.96
C LEU A 83 -8.96 13.59 -0.47
N TRP A 84 -9.43 13.80 0.75
CA TRP A 84 -10.49 12.98 1.32
C TRP A 84 -11.84 13.21 0.63
N GLU A 85 -12.18 14.49 0.42
CA GLU A 85 -13.43 14.84 -0.27
C GLU A 85 -13.44 14.30 -1.69
N ARG A 86 -12.28 14.39 -2.34
CA ARG A 86 -12.08 13.81 -3.66
C ARG A 86 -12.28 12.29 -3.65
N TYR A 87 -11.75 11.63 -2.62
CA TYR A 87 -11.91 10.18 -2.48
C TYR A 87 -13.38 9.80 -2.30
N THR A 88 -14.08 10.50 -1.42
CA THR A 88 -15.46 10.16 -1.08
C THR A 88 -16.45 10.49 -2.19
N HIS A 89 -16.18 11.56 -2.95
CA HIS A 89 -17.03 11.90 -4.09
C HIS A 89 -16.97 10.79 -5.13
N ARG A 90 -15.76 10.37 -5.49
CA ARG A 90 -15.58 9.25 -6.42
C ARG A 90 -16.16 7.95 -5.86
N ARG A 91 -15.98 7.70 -4.58
CA ARG A 91 -16.49 6.48 -3.95
C ARG A 91 -18.00 6.36 -4.11
N LYS A 92 -18.70 7.48 -3.92
CA LYS A 92 -20.15 7.54 -4.10
C LYS A 92 -20.56 7.25 -5.55
N GLU A 93 -19.82 7.78 -6.51
CA GLU A 93 -20.08 7.51 -7.93
C GLU A 93 -19.96 6.02 -8.24
N VAL A 94 -18.85 5.43 -7.80
CA VAL A 94 -18.59 4.02 -7.99
C VAL A 94 -19.70 3.18 -7.34
N SER A 95 -20.02 3.52 -6.10
CA SER A 95 -21.04 2.84 -5.32
C SER A 95 -22.40 2.79 -6.05
N GLU A 96 -22.81 3.93 -6.59
CA GLU A 96 -24.08 4.04 -7.34
C GLU A 96 -24.08 3.30 -8.67
N GLU A 97 -22.90 3.04 -9.22
CA GLU A 97 -22.77 2.23 -10.43
C GLU A 97 -22.60 0.74 -10.13
N ASN A 98 -22.66 0.35 -8.85
CA ASN A 98 -22.40 -1.04 -8.47
C ASN A 98 -23.27 -1.47 -7.28
N HIS A 99 -24.58 -1.42 -7.48
CA HIS A 99 -25.58 -1.80 -6.46
C HIS A 99 -25.22 -1.34 -5.03
N ASN A 100 -24.86 -0.07 -4.91
CA ASN A 100 -24.55 0.56 -3.62
C ASN A 100 -23.40 -0.13 -2.88
N HIS A 101 -22.40 -0.54 -3.63
CA HIS A 101 -21.27 -1.28 -3.09
C HIS A 101 -19.95 -0.72 -3.64
N ALA A 102 -19.27 0.06 -2.80
CA ALA A 102 -17.95 0.60 -3.12
C ALA A 102 -16.87 -0.49 -3.25
N ASN A 103 -17.06 -1.59 -2.53
CA ASN A 103 -16.06 -2.67 -2.47
C ASN A 103 -14.73 -2.07 -2.01
N GLU A 104 -14.80 -1.38 -0.88
CA GLU A 104 -13.67 -0.65 -0.31
C GLU A 104 -12.77 -1.58 0.49
N ARG A 105 -11.46 -1.51 0.20
CA ARG A 105 -10.45 -2.29 0.92
C ARG A 105 -9.40 -1.39 1.56
N MET A 106 -8.64 -1.98 2.50
CA MET A 106 -7.44 -1.34 3.02
C MET A 106 -6.23 -2.13 2.50
N LEU A 107 -5.38 -1.47 1.72
CA LEU A 107 -4.29 -2.15 1.02
C LEU A 107 -2.97 -1.39 1.14
N PHE A 108 -1.87 -2.10 0.98
CA PHE A 108 -0.54 -1.48 1.11
C PHE A 108 -0.05 -0.95 -0.23
N HIS A 109 0.78 0.08 -0.17
CA HIS A 109 1.41 0.66 -1.36
C HIS A 109 2.82 1.14 -1.00
N GLY A 110 3.81 0.57 -1.68
CA GLY A 110 5.20 0.97 -1.51
C GLY A 110 5.68 1.73 -2.72
N SER A 111 6.41 2.82 -2.49
CA SER A 111 6.83 3.72 -3.56
C SER A 111 8.00 4.60 -3.09
N PRO A 112 8.96 4.89 -3.98
CA PRO A 112 9.93 5.93 -3.66
C PRO A 112 9.32 7.34 -3.58
N PHE A 113 8.11 7.51 -4.11
CA PHE A 113 7.45 8.81 -4.17
C PHE A 113 6.37 9.00 -3.09
N VAL A 114 6.54 8.36 -1.93
CA VAL A 114 5.55 8.42 -0.85
C VAL A 114 5.29 9.85 -0.39
N ASN A 115 6.33 10.69 -0.38
CA ASN A 115 6.17 12.07 0.07
C ASN A 115 5.26 12.88 -0.84
N ALA A 116 5.38 12.66 -2.15
CA ALA A 116 4.50 13.32 -3.12
C ALA A 116 3.07 12.84 -2.95
N ILE A 117 2.92 11.53 -2.74
CA ILE A 117 1.59 10.92 -2.61
C ILE A 117 0.79 11.51 -1.45
N ILE A 118 1.40 11.62 -0.26
CA ILE A 118 0.67 12.13 0.91
C ILE A 118 0.25 13.60 0.79
N HIS A 119 0.95 14.38 -0.04
CA HIS A 119 0.63 15.80 -0.22
C HIS A 119 -0.22 16.09 -1.44
N LYS A 120 0.03 15.39 -2.54
CA LYS A 120 -0.67 15.62 -3.81
C LYS A 120 -1.67 14.51 -4.17
N GLY A 121 -1.77 13.49 -3.33
CA GLY A 121 -2.65 12.35 -3.60
C GLY A 121 -2.13 11.47 -4.71
N PHE A 122 -2.82 10.38 -4.98
CA PHE A 122 -2.43 9.48 -6.07
C PHE A 122 -2.75 10.11 -7.42
N ASP A 123 -1.92 9.81 -8.40
CA ASP A 123 -2.08 10.32 -9.75
C ASP A 123 -1.75 9.20 -10.75
N GLU A 124 -2.72 8.89 -11.60
CA GLU A 124 -2.59 7.77 -12.55
C GLU A 124 -1.57 8.03 -13.68
N ARG A 125 -1.24 9.30 -13.91
CA ARG A 125 -0.38 9.69 -15.04
C ARG A 125 1.12 9.43 -14.85
N HIS A 126 1.54 9.07 -13.63
CA HIS A 126 2.95 8.76 -13.38
C HIS A 126 3.39 7.49 -14.10
N ALA A 135 0.40 1.01 -16.36
CA ALA A 135 -0.30 2.27 -16.52
C ALA A 135 -1.22 2.58 -15.33
N GLY A 136 -1.58 1.53 -14.58
CA GLY A 136 -2.42 1.68 -13.40
C GLY A 136 -1.64 1.91 -12.12
N ILE A 137 -2.37 2.02 -11.02
CA ILE A 137 -1.78 2.20 -9.68
C ILE A 137 -2.01 0.90 -8.91
N TYR A 138 -0.92 0.31 -8.41
CA TYR A 138 -0.97 -1.04 -7.83
C TYR A 138 -0.96 -1.04 -6.30
N PHE A 139 -1.70 -2.00 -5.73
CA PHE A 139 -1.81 -2.17 -4.27
C PHE A 139 -1.73 -3.64 -3.89
N ALA A 140 -1.24 -3.92 -2.68
CA ALA A 140 -1.02 -5.29 -2.24
C ALA A 140 -1.75 -5.59 -0.94
N GLU A 141 -2.22 -6.83 -0.80
CA GLU A 141 -2.68 -7.35 0.49
C GLU A 141 -1.51 -7.75 1.39
N ASN A 142 -0.42 -8.23 0.78
CA ASN A 142 0.80 -8.56 1.52
C ASN A 142 1.66 -7.32 1.70
N SER A 143 1.94 -6.93 2.94
CA SER A 143 2.82 -5.79 3.21
C SER A 143 4.20 -6.02 2.60
N SER A 144 4.67 -7.26 2.68
CA SER A 144 5.99 -7.61 2.16
C SER A 144 6.10 -7.53 0.64
N LYS A 145 4.96 -7.58 -0.07
CA LYS A 145 4.96 -7.32 -1.52
C LYS A 145 5.19 -5.84 -1.77
N SER A 146 4.48 -4.98 -1.07
CA SER A 146 4.69 -3.54 -1.18
C SER A 146 6.11 -3.15 -0.74
N ASN A 147 6.63 -3.84 0.27
CA ASN A 147 8.01 -3.62 0.72
C ASN A 147 9.04 -3.81 -0.40
N GLN A 148 8.73 -4.66 -1.37
CA GLN A 148 9.62 -4.86 -2.53
C GLN A 148 9.80 -3.61 -3.40
N TYR A 149 8.87 -2.66 -3.31
CA TYR A 149 8.88 -1.48 -4.18
C TYR A 149 9.25 -0.15 -3.51
N VAL A 150 9.59 -0.16 -2.21
CA VAL A 150 9.91 1.08 -1.51
C VAL A 150 11.17 1.76 -2.08
N TYR A 151 12.17 0.97 -2.47
CA TYR A 151 13.38 1.51 -3.08
C TYR A 151 13.40 1.43 -4.62
N GLY A 152 12.25 1.21 -5.24
CA GLY A 152 12.15 1.14 -6.70
C GLY A 152 11.77 -0.24 -7.20
N ILE A 153 11.66 -0.38 -8.52
CA ILE A 153 11.21 -1.62 -9.14
C ILE A 153 12.21 -2.74 -8.89
N GLY A 154 11.72 -3.89 -8.43
CA GLY A 154 12.59 -4.98 -8.01
C GLY A 154 13.56 -4.59 -6.89
N GLY A 155 13.19 -3.55 -6.12
CA GLY A 155 14.06 -3.00 -5.08
C GLY A 155 15.09 -1.98 -5.55
N GLY A 156 15.17 -1.75 -6.86
CA GLY A 156 16.17 -0.83 -7.43
C GLY A 156 17.58 -1.19 -7.00
N THR A 157 18.33 -0.18 -6.55
CA THR A 157 19.68 -0.42 -6.00
C THR A 157 19.67 -0.48 -4.47
N GLY A 158 18.49 -0.57 -3.86
CA GLY A 158 18.37 -0.66 -2.41
C GLY A 158 18.43 0.69 -1.74
N CYS A 159 18.70 0.71 -0.44
CA CYS A 159 18.72 1.96 0.32
C CYS A 159 19.73 2.97 -0.23
N PRO A 160 19.39 4.26 -0.18
CA PRO A 160 20.29 5.32 -0.66
C PRO A 160 21.73 5.26 -0.13
N VAL A 161 21.91 4.93 1.15
CA VAL A 161 23.23 5.09 1.79
C VAL A 161 24.12 3.85 1.75
N HIS A 162 23.54 2.66 1.87
CA HIS A 162 24.31 1.40 1.81
C HIS A 162 24.15 0.68 0.47
N LYS A 163 23.20 1.12 -0.34
CA LYS A 163 22.81 0.43 -1.58
C LYS A 163 22.59 -1.07 -1.33
N ASP A 164 21.91 -1.35 -0.21
CA ASP A 164 21.59 -2.70 0.22
C ASP A 164 20.05 -2.82 0.21
N ARG A 165 19.54 -3.70 -0.64
CA ARG A 165 18.10 -3.94 -0.72
C ARG A 165 17.58 -4.66 0.53
N SER A 166 18.48 -5.37 1.22
CA SER A 166 18.14 -6.03 2.48
C SER A 166 18.69 -5.29 3.70
N CYS A 167 18.86 -3.97 3.60
CA CYS A 167 19.38 -3.17 4.71
C CYS A 167 18.48 -3.31 5.93
N TYR A 168 19.09 -3.59 7.07
CA TYR A 168 18.37 -3.67 8.34
C TYR A 168 18.49 -2.39 9.14
N ILE A 169 19.19 -1.40 8.58
CA ILE A 169 19.53 -0.16 9.28
C ILE A 169 18.59 0.96 8.85
N CYS A 170 18.61 1.28 7.56
CA CYS A 170 17.88 2.44 7.04
C CYS A 170 16.38 2.29 7.29
N HIS A 171 15.70 3.42 7.51
CA HIS A 171 14.27 3.44 7.75
C HIS A 171 13.51 3.41 6.44
N ARG A 172 12.45 2.60 6.38
CA ARG A 172 11.61 2.48 5.21
C ARG A 172 10.24 3.08 5.52
N GLN A 173 9.49 3.38 4.47
CA GLN A 173 8.13 3.86 4.63
C GLN A 173 7.19 3.21 3.62
N LEU A 174 6.00 2.83 4.10
CA LEU A 174 4.92 2.25 3.31
CA LEU A 174 4.96 2.40 3.19
C LEU A 174 3.62 2.99 3.60
N LEU A 175 2.70 3.02 2.64
CA LEU A 175 1.36 3.56 2.84
C LEU A 175 0.36 2.41 3.02
N PHE A 176 -0.51 2.54 4.02
CA PHE A 176 -1.67 1.66 4.18
C PHE A 176 -2.87 2.51 3.76
N CYS A 177 -3.54 2.09 2.68
CA CYS A 177 -4.45 2.96 1.95
C CYS A 177 -5.87 2.43 1.88
N ARG A 178 -6.83 3.35 1.88
CA ARG A 178 -8.24 3.05 1.67
C ARG A 178 -8.49 3.09 0.16
N VAL A 179 -8.91 1.96 -0.41
CA VAL A 179 -9.03 1.81 -1.87
C VAL A 179 -10.42 1.35 -2.31
N THR A 180 -11.02 2.10 -3.24
CA THR A 180 -12.31 1.74 -3.84
C THR A 180 -12.11 0.86 -5.07
N LEU A 181 -12.54 -0.39 -4.98
CA LEU A 181 -12.41 -1.33 -6.11
C LEU A 181 -13.65 -1.39 -7.00
N GLY A 182 -14.82 -1.06 -6.44
CA GLY A 182 -16.09 -1.21 -7.14
C GLY A 182 -16.24 -2.58 -7.76
N LYS A 183 -16.83 -2.63 -8.94
CA LYS A 183 -16.84 -3.83 -9.78
C LYS A 183 -15.43 -4.09 -10.29
N SER A 184 -14.79 -5.13 -9.76
CA SER A 184 -13.39 -5.41 -10.05
C SER A 184 -13.29 -6.53 -11.09
N PHE A 185 -12.49 -6.29 -12.12
CA PHE A 185 -12.25 -7.27 -13.17
C PHE A 185 -11.32 -8.35 -12.63
N LEU A 186 -11.77 -9.60 -12.65
CA LEU A 186 -10.97 -10.71 -12.12
C LEU A 186 -9.91 -11.17 -13.11
N GLN A 187 -8.66 -11.12 -12.68
CA GLN A 187 -7.51 -11.53 -13.47
C GLN A 187 -6.83 -12.69 -12.74
N PHE A 188 -6.75 -13.85 -13.40
CA PHE A 188 -6.07 -15.01 -12.82
C PHE A 188 -4.59 -14.99 -13.23
N SER A 189 -3.71 -14.89 -12.24
CA SER A 189 -2.28 -14.70 -12.47
C SER A 189 -1.50 -15.99 -12.28
N HIS A 195 -7.58 3.33 -18.72
CA HIS A 195 -8.59 3.02 -17.72
C HIS A 195 -8.80 1.51 -17.62
N SER A 196 -9.51 1.08 -16.58
CA SER A 196 -9.84 -0.33 -16.36
C SER A 196 -10.71 -0.89 -17.50
N PRO A 197 -10.84 -2.22 -17.59
CA PRO A 197 -11.68 -2.84 -18.61
C PRO A 197 -13.11 -2.27 -18.63
N PRO A 198 -13.71 -2.13 -19.82
CA PRO A 198 -15.05 -1.53 -19.96
C PRO A 198 -16.07 -2.06 -18.93
N GLY A 199 -16.75 -1.15 -18.25
CA GLY A 199 -17.74 -1.51 -17.24
C GLY A 199 -17.17 -1.99 -15.90
N HIS A 200 -15.88 -1.75 -15.66
CA HIS A 200 -15.24 -2.11 -14.39
C HIS A 200 -14.57 -0.89 -13.76
N HIS A 201 -14.36 -0.94 -12.45
CA HIS A 201 -13.73 0.16 -11.72
C HIS A 201 -12.29 -0.15 -11.27
N SER A 202 -11.87 -1.41 -11.47
CA SER A 202 -10.56 -1.86 -11.00
C SER A 202 -10.26 -3.25 -11.54
N VAL A 203 -9.06 -3.74 -11.23
CA VAL A 203 -8.64 -5.09 -11.58
C VAL A 203 -8.15 -5.81 -10.32
N THR A 204 -8.57 -7.06 -10.16
CA THR A 204 -8.11 -7.92 -9.08
C THR A 204 -7.19 -8.99 -9.67
N GLY A 205 -5.95 -9.03 -9.20
CA GLY A 205 -4.99 -10.05 -9.62
C GLY A 205 -5.01 -11.20 -8.63
N ARG A 206 -5.82 -12.21 -8.95
CA ARG A 206 -5.93 -13.39 -8.11
C ARG A 206 -4.76 -14.33 -8.41
N PRO A 207 -3.94 -14.65 -7.38
CA PRO A 207 -2.78 -15.51 -7.61
C PRO A 207 -3.20 -16.97 -7.81
N SER A 208 -2.95 -17.50 -9.01
CA SER A 208 -3.32 -18.87 -9.36
C SER A 208 -2.15 -19.82 -9.15
N VAL A 209 -0.96 -19.42 -9.62
CA VAL A 209 0.24 -20.26 -9.54
C VAL A 209 0.80 -20.29 -8.12
N ASN A 210 0.97 -19.11 -7.52
CA ASN A 210 1.56 -18.99 -6.18
C ASN A 210 0.64 -19.61 -5.13
N GLY A 211 1.24 -20.23 -4.11
CA GLY A 211 0.49 -20.98 -3.10
C GLY A 211 0.04 -20.16 -1.92
N LEU A 212 0.95 -19.37 -1.34
CA LEU A 212 0.65 -18.59 -0.13
C LEU A 212 0.45 -17.10 -0.38
N ALA A 213 0.49 -16.67 -1.65
CA ALA A 213 0.35 -15.26 -1.98
C ALA A 213 -1.08 -14.78 -1.83
N LEU A 214 -1.24 -13.55 -1.33
CA LEU A 214 -2.53 -12.88 -1.30
C LEU A 214 -2.70 -12.04 -2.56
N ALA A 215 -3.89 -11.47 -2.75
CA ALA A 215 -4.21 -10.73 -3.98
C ALA A 215 -3.44 -9.42 -4.15
N GLU A 216 -3.41 -8.94 -5.39
CA GLU A 216 -2.88 -7.63 -5.73
C GLU A 216 -3.94 -6.93 -6.59
N TYR A 217 -4.04 -5.60 -6.46
CA TYR A 217 -5.11 -4.85 -7.11
C TYR A 217 -4.56 -3.69 -7.92
N VAL A 218 -5.29 -3.33 -8.98
CA VAL A 218 -4.96 -2.19 -9.83
C VAL A 218 -6.16 -1.28 -9.98
N ILE A 219 -5.95 0.02 -9.81
CA ILE A 219 -6.96 1.03 -10.14
C ILE A 219 -6.36 1.95 -11.20
N TYR A 220 -7.22 2.71 -11.88
CA TYR A 220 -6.78 3.60 -12.96
C TYR A 220 -7.21 5.06 -12.74
N ARG A 221 -7.85 5.33 -11.62
CA ARG A 221 -8.21 6.68 -11.21
C ARG A 221 -7.57 6.91 -9.85
N GLY A 222 -6.71 7.93 -9.76
CA GLY A 222 -6.06 8.30 -8.49
C GLY A 222 -7.02 8.66 -7.38
N GLU A 223 -8.23 9.08 -7.75
CA GLU A 223 -9.27 9.43 -6.79
C GLU A 223 -9.88 8.23 -6.09
N GLN A 224 -9.56 7.02 -6.55
CA GLN A 224 -10.09 5.79 -5.93
C GLN A 224 -9.19 5.23 -4.81
N ALA A 225 -8.17 5.99 -4.40
CA ALA A 225 -7.30 5.60 -3.29
C ALA A 225 -6.97 6.79 -2.41
N TYR A 226 -7.06 6.60 -1.09
CA TYR A 226 -6.68 7.62 -0.13
C TYR A 226 -5.58 7.08 0.79
N PRO A 227 -4.42 7.78 0.82
CA PRO A 227 -3.29 7.31 1.62
C PRO A 227 -3.52 7.61 3.10
N GLU A 228 -4.04 6.64 3.84
CA GLU A 228 -4.57 6.92 5.17
C GLU A 228 -3.55 6.81 6.31
N TYR A 229 -2.63 5.87 6.20
CA TYR A 229 -1.58 5.71 7.21
C TYR A 229 -0.19 5.69 6.59
N LEU A 230 0.73 6.44 7.18
CA LEU A 230 2.14 6.41 6.82
C LEU A 230 2.89 5.63 7.88
N ILE A 231 3.46 4.49 7.47
CA ILE A 231 4.11 3.59 8.39
C ILE A 231 5.62 3.63 8.17
N THR A 232 6.37 3.92 9.24
CA THR A 232 7.82 3.98 9.18
C THR A 232 8.36 2.79 9.95
N TYR A 233 9.31 2.08 9.33
CA TYR A 233 9.73 0.80 9.88
C TYR A 233 11.11 0.37 9.39
N GLN A 234 11.62 -0.70 9.99
CA GLN A 234 12.80 -1.39 9.50
C GLN A 234 12.40 -2.85 9.32
N ILE A 235 12.97 -3.51 8.31
CA ILE A 235 12.88 -4.97 8.27
C ILE A 235 13.80 -5.50 9.36
N MET A 236 13.41 -6.62 9.97
CA MET A 236 14.17 -7.17 11.08
C MET A 236 14.95 -8.41 10.63
N ARG A 237 16.23 -8.46 10.97
CA ARG A 237 17.08 -9.62 10.68
C ARG A 237 16.58 -10.82 11.49
N PRO A 238 16.39 -11.98 10.82
CA PRO A 238 15.96 -13.18 11.57
C PRO A 238 17.01 -13.69 12.56
N GLU A 239 16.58 -14.50 13.52
CA GLU A 239 17.45 -15.04 14.55
C GLU A 239 17.53 -16.56 14.46
O1 RPB B . 3.22 -1.65 -3.70
C7 RPB B . 3.17 -1.54 -4.93
N1 RPB B . 3.56 -0.30 -5.43
C8 RPB B . 3.58 0.07 -6.86
C9 RPB B . 4.44 -0.89 -7.68
C10 RPB B . 3.81 -2.13 -7.89
C5 RPB B . 3.11 -2.87 -7.01
C4 RPB B . 2.81 -2.65 -5.72
C3 RPB B . 2.03 -3.59 -5.02
C2 RPB B . 1.61 -4.74 -5.69
F1 RPB B . 0.84 -5.69 -5.05
C1 RPB B . 1.96 -4.91 -7.02
C6 RPB B . 2.69 -3.99 -7.63
N2 RPB B . 3.13 -3.95 -8.88
C11 RPB B . 3.82 -2.82 -9.06
C12 RPB B . 4.38 -2.52 -10.25
C14 RPB B . 5.63 -1.91 -10.40
C15 RPB B . 6.15 -1.62 -11.68
C13 RPB B . 3.68 -2.86 -11.42
C17 RPB B . 4.20 -2.59 -12.69
C16 RPB B . 5.43 -1.95 -12.83
C18 RPB B . 5.96 -1.70 -14.07
N3 RPB B . 5.55 -0.39 -14.62
C19 RPB B . 4.08 -0.29 -14.74
S SO4 C . 6.36 -13.01 -5.51
O1 SO4 C . 7.12 -13.25 -6.76
O2 SO4 C . 6.65 -14.07 -4.54
O3 SO4 C . 4.92 -13.01 -5.80
O4 SO4 C . 6.74 -11.68 -4.98
S SO4 D . 12.71 -13.18 13.63
O1 SO4 D . 12.53 -13.73 12.27
O2 SO4 D . 13.62 -14.08 14.38
O3 SO4 D . 11.39 -13.13 14.31
O4 SO4 D . 13.28 -11.82 13.57
ZN ZN E . 20.90 1.19 4.41
#